data_4XLG
#
_entry.id   4XLG
#
_cell.length_a   135.790
_cell.length_b   135.790
_cell.length_c   56.710
_cell.angle_alpha   90.00
_cell.angle_beta   90.00
_cell.angle_gamma   120.00
#
_symmetry.space_group_name_H-M   'P 63'
#
loop_
_entity.id
_entity.type
_entity.pdbx_description
1 polymer 'Structure-specific endonuclease subunit SLX4'
2 polymer 'Structure-specific endonuclease subunit SLX1'
3 non-polymer 'ZINC ION'
4 non-polymer 'CHLORIDE ION'
5 water water
#
loop_
_entity_poly.entity_id
_entity_poly.type
_entity_poly.pdbx_seq_one_letter_code
_entity_poly.pdbx_strand_id
1 'polypeptide(L)' SNQKKVGVTSKSEVFEFLTHLVKQEPDLLTRIYCFQPITMNDLINKLRNKDSFVDLIDDGTIREWTDKLGICIRSNNLKD B
2 'polypeptide(L)'
;MEEFQQIPDFYGCYLLQSISKRQSFYIGSTPNPVRRLRQHNGSLSRGGAYRTKRDGTRPWEMVAIVYGFPSRIAALQFQH
AWQHGYQTRYIKSQDRVVKTRKGGRSIHHKLAMITSLLKNEYFRYMDLTLHFFNQKVEEIWKNDKFNVSQTQESIDNNYT
VSLSQDALTEINNDTIDDIMDVNEKNMELVQNLYSTTLAEKTKTLLLYKEKIDTGINTCQFCNKIIKHNLSGNISENLFA
FCRDTSCTFVSHLACAYRYFMSNTELPKEDTIIPQSPKCPKCYTLLKWCDVIYYSIKLNKDNTTADDKKKTI
;
A
#
# COMPACT_ATOMS: atom_id res chain seq x y z
N THR A 9 29.14 19.39 -1.88
CA THR A 9 27.70 19.44 -2.09
C THR A 9 26.90 18.59 -1.08
N SER A 10 26.08 19.24 -0.26
CA SER A 10 25.31 18.50 0.72
C SER A 10 24.26 17.60 0.06
N LYS A 11 23.87 16.56 0.79
CA LYS A 11 22.76 15.74 0.34
C LYS A 11 21.48 16.55 0.21
N SER A 12 21.26 17.54 1.08
CA SER A 12 20.04 18.35 0.93
C SER A 12 19.99 19.10 -0.40
N GLU A 13 21.12 19.64 -0.80
CA GLU A 13 21.23 20.35 -2.07
C GLU A 13 21.00 19.41 -3.24
N VAL A 14 21.62 18.23 -3.17
CA VAL A 14 21.40 17.25 -4.25
C VAL A 14 19.93 16.82 -4.31
N PHE A 15 19.31 16.54 -3.17
CA PHE A 15 17.92 16.08 -3.21
C PHE A 15 17.01 17.14 -3.82
N GLU A 16 17.23 18.39 -3.44
CA GLU A 16 16.44 19.51 -3.97
C GLU A 16 16.59 19.60 -5.49
N PHE A 17 17.82 19.45 -5.95
CA PHE A 17 18.14 19.47 -7.38
C PHE A 17 17.38 18.34 -8.14
N LEU A 18 17.46 17.11 -7.63
CA LEU A 18 16.80 16.00 -8.31
C LEU A 18 15.28 16.17 -8.30
N THR A 19 14.76 16.66 -7.20
CA THR A 19 13.32 16.91 -7.12
C THR A 19 12.91 17.97 -8.11
N HIS A 20 13.73 19.02 -8.24
CA HIS A 20 13.42 20.06 -9.19
CA HIS A 20 13.50 20.09 -9.20
C HIS A 20 13.46 19.51 -10.63
N LEU A 21 14.37 18.58 -10.92
CA LEU A 21 14.37 17.99 -12.28
C LEU A 21 13.07 17.25 -12.56
N VAL A 22 12.62 16.47 -11.58
CA VAL A 22 11.35 15.73 -11.77
C VAL A 22 10.19 16.68 -12.06
N LYS A 23 10.10 17.78 -11.31
CA LYS A 23 9.01 18.74 -11.52
C LYS A 23 9.02 19.42 -12.90
N GLN A 24 10.14 19.37 -13.62
CA GLN A 24 10.19 19.95 -14.96
CA GLN A 24 10.12 19.97 -14.95
C GLN A 24 9.93 18.92 -16.04
N GLU A 25 9.60 17.69 -15.61
CA GLU A 25 9.36 16.68 -16.61
C GLU A 25 7.95 16.15 -16.35
N PRO A 26 6.97 16.75 -17.03
CA PRO A 26 5.55 16.50 -16.72
C PRO A 26 5.16 15.04 -16.73
N ASP A 27 5.64 14.28 -17.71
CA ASP A 27 5.20 12.90 -17.85
C ASP A 27 5.72 12.10 -16.65
N LEU A 28 6.98 12.34 -16.31
CA LEU A 28 7.63 11.63 -15.21
C LEU A 28 7.04 12.01 -13.83
N LEU A 29 6.75 13.30 -13.67
CA LEU A 29 6.06 13.78 -12.48
C LEU A 29 4.72 13.05 -12.27
N THR A 30 3.92 12.95 -13.32
CA THR A 30 2.62 12.28 -13.21
C THR A 30 2.80 10.83 -12.88
N ARG A 31 3.76 10.19 -13.51
CA ARG A 31 4.05 8.77 -13.20
C ARG A 31 4.41 8.55 -11.75
N ILE A 32 5.21 9.45 -11.19
CA ILE A 32 5.58 9.29 -9.79
C ILE A 32 4.37 9.57 -8.84
N TYR A 33 3.56 10.61 -9.07
CA TYR A 33 2.45 10.79 -8.12
C TYR A 33 1.32 9.80 -8.40
N CYS A 34 1.47 9.00 -9.46
CA CYS A 34 0.57 7.85 -9.66
C CYS A 34 1.20 6.51 -9.26
N PHE A 35 2.28 6.59 -8.47
CA PHE A 35 2.95 5.44 -7.86
C PHE A 35 3.41 4.42 -8.89
N GLN A 36 3.79 4.86 -10.08
CA GLN A 36 4.19 3.92 -11.14
C GLN A 36 5.64 3.50 -10.93
N PRO A 37 5.91 2.20 -10.90
CA PRO A 37 7.31 1.77 -10.80
C PRO A 37 8.14 2.19 -11.98
N ILE A 38 9.42 2.46 -11.76
CA ILE A 38 10.31 2.85 -12.84
C ILE A 38 11.68 2.21 -12.56
N THR A 39 12.41 1.78 -13.60
CA THR A 39 13.75 1.27 -13.31
C THR A 39 14.68 2.41 -13.02
N MET A 40 15.73 2.11 -12.25
CA MET A 40 16.72 3.12 -11.88
C MET A 40 17.37 3.71 -13.15
N ASN A 41 17.61 2.84 -14.12
CA ASN A 41 18.25 3.23 -15.39
C ASN A 41 17.38 4.16 -16.20
N ASP A 42 16.08 3.84 -16.24
CA ASP A 42 15.13 4.71 -16.93
C ASP A 42 15.01 6.07 -16.24
N LEU A 43 14.93 6.05 -14.91
CA LEU A 43 14.83 7.29 -14.15
C LEU A 43 16.05 8.16 -14.35
N ILE A 44 17.23 7.56 -14.22
CA ILE A 44 18.45 8.34 -14.32
C ILE A 44 18.57 8.90 -15.77
N ASN A 45 18.19 8.11 -16.77
CA ASN A 45 18.22 8.64 -18.14
C ASN A 45 17.30 9.85 -18.34
N LYS A 46 16.10 9.80 -17.75
CA LYS A 46 15.16 10.93 -17.83
C LYS A 46 15.72 12.17 -17.09
N LEU A 47 16.28 11.95 -15.90
CA LEU A 47 16.89 13.05 -15.12
C LEU A 47 18.06 13.66 -15.84
N ARG A 48 18.97 12.81 -16.31
CA ARG A 48 20.21 13.32 -16.96
C ARG A 48 19.86 14.14 -18.19
N ASN A 49 18.77 13.76 -18.84
CA ASN A 49 18.40 14.48 -20.03
C ASN A 49 17.87 15.89 -19.71
N LYS A 50 17.38 16.09 -18.48
CA LYS A 50 17.02 17.43 -18.03
C LYS A 50 18.28 18.18 -17.52
N ASP A 51 19.25 17.46 -16.95
CA ASP A 51 20.51 18.17 -16.51
C ASP A 51 21.65 17.17 -16.36
N SER A 52 22.67 17.36 -17.18
CA SER A 52 23.80 16.44 -17.27
C SER A 52 24.55 16.32 -15.93
N PHE A 53 24.34 17.26 -15.00
CA PHE A 53 24.98 17.12 -13.65
C PHE A 53 24.67 15.80 -12.94
N VAL A 54 23.53 15.17 -13.29
CA VAL A 54 23.17 13.90 -12.71
C VAL A 54 24.27 12.85 -12.87
N ASP A 55 25.10 13.01 -13.89
CA ASP A 55 26.24 12.13 -14.14
C ASP A 55 27.22 12.08 -12.96
N LEU A 56 27.26 13.17 -12.20
CA LEU A 56 28.26 13.32 -11.13
C LEU A 56 27.67 12.85 -9.79
N ILE A 57 26.42 12.44 -9.81
CA ILE A 57 25.79 12.02 -8.55
C ILE A 57 25.81 10.52 -8.40
N ASP A 58 26.32 10.01 -7.30
CA ASP A 58 26.41 8.56 -7.17
C ASP A 58 25.08 7.87 -6.98
N ASP A 59 25.05 6.63 -7.41
CA ASP A 59 23.84 5.81 -7.34
C ASP A 59 23.26 5.74 -5.93
N GLY A 60 24.12 5.60 -4.92
CA GLY A 60 23.59 5.45 -3.56
C GLY A 60 22.79 6.67 -3.12
N THR A 61 23.28 7.85 -3.51
CA THR A 61 22.59 9.09 -3.20
C THR A 61 21.27 9.20 -3.96
N ILE A 62 21.28 8.83 -5.25
CA ILE A 62 20.02 8.80 -6.00
C ILE A 62 19.00 7.86 -5.34
N ARG A 63 19.47 6.69 -4.88
CA ARG A 63 18.56 5.74 -4.26
C ARG A 63 18.00 6.28 -2.93
N GLU A 64 18.82 6.96 -2.13
CA GLU A 64 18.33 7.60 -0.89
C GLU A 64 17.26 8.62 -1.19
N TRP A 65 17.47 9.39 -2.25
CA TRP A 65 16.47 10.35 -2.71
C TRP A 65 15.18 9.66 -3.14
N THR A 66 15.28 8.57 -3.90
CA THR A 66 14.03 7.92 -4.36
C THR A 66 13.25 7.42 -3.14
N ASP A 67 13.94 6.92 -2.12
CA ASP A 67 13.23 6.46 -0.91
C ASP A 67 12.52 7.61 -0.25
N LYS A 68 13.20 8.74 -0.15
CA LYS A 68 12.62 9.87 0.56
C LYS A 68 11.43 10.46 -0.16
N LEU A 69 11.47 10.40 -1.49
CA LEU A 69 10.46 11.10 -2.28
C LEU A 69 9.31 10.14 -2.61
N GLY A 70 9.46 8.88 -2.25
CA GLY A 70 8.40 7.87 -2.48
C GLY A 70 8.33 7.36 -3.92
N ILE A 71 9.44 7.46 -4.63
CA ILE A 71 9.59 6.98 -6.00
C ILE A 71 9.83 5.47 -5.96
N CYS A 72 9.03 4.73 -6.72
CA CYS A 72 9.11 3.27 -6.69
C CYS A 72 10.06 2.71 -7.75
N ILE A 73 11.14 2.09 -7.29
CA ILE A 73 12.17 1.58 -8.19
C ILE A 73 11.95 0.09 -8.41
N ARG A 74 11.80 -0.26 -9.68
CA ARG A 74 11.65 -1.61 -10.19
C ARG A 74 13.04 -2.17 -10.54
N SER A 75 13.42 -3.34 -10.03
CA SER A 75 14.73 -3.88 -10.46
C SER A 75 14.62 -4.40 -11.90
N GLU B 3 1.54 3.82 -21.11
CA GLU B 3 0.43 3.12 -20.45
C GLU B 3 0.69 2.93 -18.93
N PHE B 4 -0.26 3.39 -18.12
CA PHE B 4 -0.11 3.27 -16.67
C PHE B 4 -0.53 1.89 -16.23
N GLN B 5 0.04 1.39 -15.15
CA GLN B 5 -0.48 0.14 -14.60
C GLN B 5 -1.40 0.52 -13.45
N GLN B 6 -2.47 -0.24 -13.30
CA GLN B 6 -3.39 0.02 -12.19
C GLN B 6 -2.78 -0.32 -10.85
N ILE B 7 -3.23 0.39 -9.81
CA ILE B 7 -2.99 0.01 -8.44
C ILE B 7 -3.79 -1.28 -8.16
N PRO B 8 -3.18 -2.29 -7.52
CA PRO B 8 -3.90 -3.56 -7.28
C PRO B 8 -5.17 -3.37 -6.52
N ASP B 9 -6.18 -4.15 -6.90
CA ASP B 9 -7.39 -4.20 -6.10
C ASP B 9 -7.07 -4.61 -4.67
N PHE B 10 -6.20 -5.60 -4.53
CA PHE B 10 -5.72 -6.03 -3.23
C PHE B 10 -4.31 -6.53 -3.36
N TYR B 11 -3.40 -6.06 -2.49
CA TYR B 11 -2.09 -6.69 -2.49
C TYR B 11 -1.64 -6.53 -1.05
N GLY B 12 -1.26 -7.64 -0.40
CA GLY B 12 -0.99 -7.53 1.02
C GLY B 12 0.26 -8.34 1.38
N CYS B 13 0.91 -7.90 2.44
CA CYS B 13 2.04 -8.63 3.05
CA CYS B 13 2.01 -8.62 3.03
C CYS B 13 1.55 -9.23 4.36
N TYR B 14 1.64 -10.55 4.47
CA TYR B 14 1.00 -11.26 5.59
C TYR B 14 2.02 -11.90 6.48
N LEU B 15 1.58 -12.07 7.74
CA LEU B 15 2.37 -12.81 8.73
C LEU B 15 1.58 -14.06 9.14
N LEU B 16 2.21 -15.23 8.99
CA LEU B 16 1.61 -16.50 9.42
C LEU B 16 2.28 -16.92 10.70
N GLN B 17 1.52 -17.55 11.58
CA GLN B 17 2.06 -18.19 12.76
C GLN B 17 1.54 -19.61 12.78
N SER B 18 2.43 -20.59 12.86
CA SER B 18 1.96 -21.99 12.89
C SER B 18 1.01 -22.20 14.07
N ILE B 19 -0.09 -22.94 13.84
CA ILE B 19 -1.00 -23.16 14.97
C ILE B 19 -0.40 -24.09 16.01
N SER B 20 0.21 -25.16 15.58
CA SER B 20 0.81 -26.11 16.53
CA SER B 20 0.85 -26.10 16.49
C SER B 20 2.21 -25.66 16.96
N LYS B 21 3.03 -25.13 16.03
CA LYS B 21 4.45 -24.81 16.36
C LYS B 21 4.49 -23.30 16.54
N ARG B 22 4.21 -22.86 17.75
CA ARG B 22 3.81 -21.46 17.86
C ARG B 22 4.99 -20.47 17.75
N GLN B 23 6.23 -20.98 17.76
CA GLN B 23 7.38 -20.10 17.46
C GLN B 23 7.73 -20.08 15.97
N SER B 24 6.97 -20.77 15.12
CA SER B 24 7.22 -20.72 13.65
C SER B 24 6.36 -19.67 12.98
N PHE B 25 7.03 -18.82 12.22
CA PHE B 25 6.36 -17.73 11.46
C PHE B 25 6.75 -17.77 10.00
N TYR B 26 5.96 -17.08 9.18
CA TYR B 26 6.25 -17.00 7.76
C TYR B 26 5.77 -15.66 7.29
N ILE B 27 6.57 -15.00 6.45
CA ILE B 27 6.08 -13.73 5.88
C ILE B 27 6.03 -13.82 4.35
N GLY B 28 4.93 -13.37 3.73
CA GLY B 28 4.95 -13.36 2.26
C GLY B 28 4.05 -12.24 1.75
N SER B 29 3.82 -12.18 0.44
CA SER B 29 2.95 -11.13 -0.09
C SER B 29 2.10 -11.77 -1.17
N THR B 30 0.91 -11.21 -1.36
CA THR B 30 -0.04 -11.85 -2.29
C THR B 30 -1.17 -10.90 -2.73
N PRO B 31 -1.69 -11.14 -3.92
CA PRO B 31 -2.93 -10.42 -4.32
C PRO B 31 -4.21 -11.17 -3.85
N ASN B 32 -4.07 -12.39 -3.32
CA ASN B 32 -5.23 -13.18 -2.91
C ASN B 32 -4.81 -14.01 -1.69
N PRO B 33 -5.09 -13.49 -0.52
CA PRO B 33 -4.62 -14.15 0.71
C PRO B 33 -5.40 -15.43 1.02
N VAL B 34 -6.64 -15.57 0.50
CA VAL B 34 -7.39 -16.79 0.77
C VAL B 34 -6.76 -17.97 0.01
N ARG B 35 -6.56 -17.76 -1.32
CA ARG B 35 -5.94 -18.77 -2.15
C ARG B 35 -4.51 -19.09 -1.61
N ARG B 36 -3.82 -18.03 -1.23
CA ARG B 36 -2.42 -18.21 -0.74
C ARG B 36 -2.40 -19.03 0.54
N LEU B 37 -3.29 -18.70 1.47
CA LEU B 37 -3.32 -19.50 2.69
C LEU B 37 -3.69 -20.96 2.41
N ARG B 38 -4.61 -21.24 1.47
CA ARG B 38 -4.82 -22.65 1.10
C ARG B 38 -3.58 -23.34 0.56
N GLN B 39 -2.81 -22.60 -0.25
CA GLN B 39 -1.56 -23.17 -0.83
C GLN B 39 -0.56 -23.47 0.31
N HIS B 40 -0.45 -22.55 1.25
CA HIS B 40 0.47 -22.81 2.39
C HIS B 40 0.02 -23.99 3.23
N ASN B 41 -1.29 -24.15 3.41
CA ASN B 41 -1.82 -25.19 4.28
C ASN B 41 -2.07 -26.52 3.65
N GLY B 42 -2.11 -26.53 2.34
CA GLY B 42 -2.39 -27.77 1.65
C GLY B 42 -1.16 -28.00 0.83
N SER B 43 -1.27 -27.80 -0.46
CA SER B 43 -0.04 -27.72 -1.27
C SER B 43 -0.16 -26.64 -2.36
N LEU B 44 0.99 -26.29 -2.98
CA LEU B 44 1.03 -25.18 -3.94
C LEU B 44 0.14 -25.39 -5.19
N SER B 45 0.17 -26.63 -5.64
CA SER B 45 -0.70 -27.11 -6.71
C SER B 45 -1.11 -28.54 -6.30
N ARG B 46 -2.10 -29.10 -7.00
CA ARG B 46 -2.72 -30.38 -6.62
C ARG B 46 -1.73 -31.53 -6.36
N THR B 52 5.45 -32.88 0.35
CA THR B 52 5.98 -32.42 1.64
C THR B 52 5.38 -33.22 2.81
N LYS B 53 6.22 -34.03 3.47
CA LYS B 53 5.83 -34.70 4.71
C LYS B 53 5.40 -33.68 5.79
N ARG B 54 4.38 -34.02 6.55
CA ARG B 54 3.90 -33.05 7.51
CA ARG B 54 3.83 -33.11 7.55
C ARG B 54 4.58 -33.25 8.86
N ASP B 55 5.03 -32.14 9.45
CA ASP B 55 5.67 -32.23 10.76
C ASP B 55 4.89 -31.43 11.80
N GLY B 56 3.68 -31.03 11.43
CA GLY B 56 2.80 -30.22 12.26
C GLY B 56 2.98 -28.71 12.12
N THR B 57 3.88 -28.24 11.25
CA THR B 57 3.95 -26.80 11.00
C THR B 57 2.63 -26.29 10.39
N ARG B 58 2.17 -26.98 9.36
CA ARG B 58 0.77 -26.75 8.90
C ARG B 58 -0.25 -27.40 9.84
N PRO B 59 -1.42 -26.77 10.00
CA PRO B 59 -1.79 -25.52 9.33
C PRO B 59 -1.26 -24.26 9.99
N TRP B 60 -1.14 -23.23 9.18
CA TRP B 60 -0.76 -21.90 9.61
C TRP B 60 -2.00 -21.09 9.92
N GLU B 61 -1.89 -20.17 10.89
CA GLU B 61 -2.90 -19.13 11.09
C GLU B 61 -2.39 -17.82 10.47
N MET B 62 -3.19 -17.15 9.60
CA MET B 62 -2.75 -15.83 9.15
C MET B 62 -3.12 -14.85 10.25
N VAL B 63 -2.13 -14.29 10.96
CA VAL B 63 -2.50 -13.47 12.09
C VAL B 63 -2.64 -11.99 11.78
N ALA B 64 -1.97 -11.54 10.72
CA ALA B 64 -2.01 -10.11 10.35
C ALA B 64 -1.72 -9.96 8.87
N ILE B 65 -2.22 -8.88 8.29
CA ILE B 65 -1.83 -8.60 6.92
C ILE B 65 -1.80 -7.06 6.77
N VAL B 66 -0.80 -6.56 6.07
CA VAL B 66 -0.67 -5.14 5.75
C VAL B 66 -1.08 -5.04 4.30
N TYR B 67 -2.06 -4.20 3.99
CA TYR B 67 -2.46 -4.12 2.59
C TYR B 67 -2.70 -2.65 2.20
N GLY B 68 -3.07 -2.43 0.96
CA GLY B 68 -3.20 -1.05 0.44
C GLY B 68 -1.99 -0.65 -0.40
N PHE B 69 -1.12 -1.60 -0.76
CA PHE B 69 0.09 -1.26 -1.53
C PHE B 69 -0.24 -0.77 -2.93
N PRO B 70 0.51 0.24 -3.40
CA PRO B 70 0.18 0.83 -4.70
C PRO B 70 0.65 -0.07 -5.85
N SER B 71 1.48 -1.07 -5.56
CA SER B 71 1.98 -1.95 -6.63
C SER B 71 2.44 -3.22 -6.01
N ARG B 72 2.56 -4.25 -6.83
CA ARG B 72 3.22 -5.50 -6.37
C ARG B 72 4.67 -5.17 -5.97
N ILE B 73 5.32 -4.31 -6.75
CA ILE B 73 6.71 -3.96 -6.44
C ILE B 73 6.80 -3.42 -5.01
N ALA B 74 5.94 -2.46 -4.69
CA ALA B 74 5.95 -1.88 -3.32
C ALA B 74 5.70 -2.91 -2.24
N ALA B 75 4.75 -3.83 -2.46
CA ALA B 75 4.48 -4.88 -1.48
C ALA B 75 5.72 -5.74 -1.28
N LEU B 76 6.39 -6.08 -2.38
CA LEU B 76 7.61 -6.91 -2.25
C LEU B 76 8.72 -6.17 -1.52
N GLN B 77 8.84 -4.88 -1.78
CA GLN B 77 9.80 -4.07 -1.02
C GLN B 77 9.53 -4.15 0.48
N PHE B 78 8.27 -4.02 0.85
CA PHE B 78 7.88 -4.14 2.28
C PHE B 78 8.15 -5.52 2.79
N GLN B 79 7.74 -6.51 2.02
CA GLN B 79 7.96 -7.90 2.45
C GLN B 79 9.45 -8.20 2.70
N HIS B 80 10.29 -7.80 1.74
CA HIS B 80 11.70 -8.11 1.89
C HIS B 80 12.31 -7.35 3.06
N ALA B 81 11.87 -6.11 3.27
CA ALA B 81 12.41 -5.32 4.39
C ALA B 81 11.98 -5.98 5.74
N TRP B 82 10.74 -6.40 5.77
CA TRP B 82 10.14 -7.02 6.96
C TRP B 82 10.91 -8.31 7.28
N GLN B 83 11.17 -9.14 6.27
CA GLN B 83 11.99 -10.35 6.46
C GLN B 83 13.42 -10.09 6.82
N HIS B 84 14.02 -9.00 6.32
CA HIS B 84 15.44 -8.78 6.56
C HIS B 84 15.61 -8.27 7.97
N GLY B 85 14.62 -7.52 8.46
CA GLY B 85 14.57 -7.14 9.86
C GLY B 85 15.26 -5.82 10.10
N THR B 88 17.58 -3.81 7.36
CA THR B 88 17.08 -3.15 6.15
C THR B 88 17.39 -1.64 6.16
N ARG B 89 17.57 -1.06 4.98
CA ARG B 89 17.93 0.35 4.88
C ARG B 89 16.76 1.26 5.28
N TYR B 90 15.56 0.72 5.33
CA TYR B 90 14.42 1.53 5.76
C TYR B 90 14.42 1.96 7.24
N ILE B 91 15.29 1.35 8.06
CA ILE B 91 15.33 1.63 9.50
C ILE B 91 16.61 2.35 9.94
N SER B 106 11.32 -13.41 17.70
CA SER B 106 10.09 -13.53 18.49
C SER B 106 8.95 -12.76 17.84
N ILE B 107 7.73 -13.04 18.26
CA ILE B 107 6.57 -12.33 17.72
C ILE B 107 6.70 -10.83 17.99
N HIS B 108 7.32 -10.44 19.12
CA HIS B 108 7.44 -9.03 19.44
C HIS B 108 8.26 -8.33 18.39
N HIS B 109 9.32 -9.00 17.90
CA HIS B 109 10.19 -8.38 16.90
C HIS B 109 9.50 -8.31 15.54
N LYS B 110 8.79 -9.37 15.17
CA LYS B 110 8.06 -9.41 13.91
CA LYS B 110 8.06 -9.41 13.90
C LYS B 110 7.07 -8.25 13.86
N LEU B 111 6.36 -8.01 14.97
CA LEU B 111 5.36 -6.94 14.98
C LEU B 111 5.99 -5.53 15.10
N ALA B 112 7.06 -5.39 15.87
CA ALA B 112 7.78 -4.13 15.89
C ALA B 112 8.29 -3.72 14.51
N MET B 113 8.72 -4.70 13.72
CA MET B 113 9.21 -4.40 12.36
C MET B 113 8.09 -3.76 11.53
N ILE B 114 6.84 -4.17 11.78
CA ILE B 114 5.74 -3.55 11.03
C ILE B 114 5.70 -2.06 11.32
N THR B 115 5.71 -1.72 12.59
CA THR B 115 5.63 -0.31 12.95
C THR B 115 6.81 0.47 12.39
N SER B 116 8.02 -0.09 12.51
CA SER B 116 9.20 0.58 11.98
C SER B 116 9.07 0.89 10.51
N LEU B 117 8.55 -0.04 9.74
CA LEU B 117 8.38 0.20 8.30
C LEU B 117 7.25 1.19 7.99
N LEU B 118 6.14 1.13 8.73
CA LEU B 118 5.05 2.07 8.52
C LEU B 118 5.49 3.51 8.88
N LYS B 119 6.50 3.64 9.73
CA LYS B 119 7.02 4.99 10.05
C LYS B 119 8.00 5.49 9.02
N ASN B 120 8.42 4.61 8.12
CA ASN B 120 9.50 5.01 7.20
C ASN B 120 8.96 5.91 6.09
N GLU B 121 9.78 6.88 5.67
CA GLU B 121 9.38 7.91 4.71
C GLU B 121 8.72 7.31 3.45
N TYR B 122 9.33 6.24 2.95
CA TYR B 122 8.87 5.63 1.71
C TYR B 122 7.47 5.01 1.82
N PHE B 123 7.27 4.20 2.85
CA PHE B 123 5.97 3.54 2.97
C PHE B 123 4.88 4.47 3.52
N ARG B 124 5.28 5.55 4.21
CA ARG B 124 4.31 6.54 4.71
C ARG B 124 3.42 7.10 3.61
N TYR B 125 3.98 7.28 2.42
CA TYR B 125 3.16 7.81 1.31
C TYR B 125 1.98 6.92 0.94
N MET B 126 2.04 5.66 1.33
CA MET B 126 1.02 4.70 0.87
C MET B 126 -0.20 4.61 1.75
N ASP B 127 -0.15 5.20 2.96
CA ASP B 127 -1.31 5.14 3.91
C ASP B 127 -1.85 3.72 4.02
N LEU B 128 -0.96 2.78 4.35
CA LEU B 128 -1.28 1.36 4.39
C LEU B 128 -2.26 1.04 5.51
N THR B 129 -2.86 -0.15 5.41
CA THR B 129 -3.74 -0.62 6.47
C THR B 129 -3.11 -1.85 7.10
N LEU B 130 -2.99 -1.84 8.43
CA LEU B 130 -2.51 -3.00 9.18
C LEU B 130 -3.76 -3.70 9.78
N HIS B 131 -4.01 -4.94 9.37
CA HIS B 131 -5.22 -5.63 9.81
C HIS B 131 -4.84 -6.87 10.62
N PHE B 132 -5.42 -7.01 11.82
CA PHE B 132 -5.22 -8.24 12.63
C PHE B 132 -6.40 -9.20 12.58
N PHE B 133 -6.09 -10.48 12.41
CA PHE B 133 -7.11 -11.52 12.45
C PHE B 133 -7.15 -12.18 13.80
N ASN B 134 -6.17 -11.82 14.62
CA ASN B 134 -6.07 -12.41 15.97
C ASN B 134 -5.90 -11.28 16.96
N GLN B 135 -6.78 -11.21 17.95
CA GLN B 135 -6.77 -10.10 18.88
CA GLN B 135 -6.78 -10.11 18.91
C GLN B 135 -5.62 -10.17 19.89
N LYS B 136 -5.17 -11.39 20.27
CA LYS B 136 -4.02 -11.47 21.14
C LYS B 136 -2.77 -10.95 20.43
N VAL B 137 -2.67 -11.20 19.12
CA VAL B 137 -1.54 -10.68 18.35
C VAL B 137 -1.66 -9.15 18.26
N GLU B 138 -2.88 -8.66 17.99
CA GLU B 138 -3.10 -7.20 17.99
C GLU B 138 -2.68 -6.53 19.34
N GLU B 139 -2.99 -7.20 20.46
CA GLU B 139 -2.66 -6.64 21.76
CA GLU B 139 -2.66 -6.70 21.80
C GLU B 139 -1.16 -6.56 21.96
N ILE B 140 -0.43 -7.58 21.51
CA ILE B 140 1.04 -7.56 21.62
C ILE B 140 1.58 -6.42 20.76
N TRP B 141 1.02 -6.24 19.57
CA TRP B 141 1.48 -5.13 18.71
C TRP B 141 1.21 -3.80 19.39
N LYS B 142 0.01 -3.66 19.95
CA LYS B 142 -0.37 -2.40 20.57
C LYS B 142 0.47 -2.11 21.80
N ASN B 143 0.83 -3.17 22.53
CA ASN B 143 1.66 -2.99 23.72
C ASN B 143 3.00 -2.36 23.38
N ASP B 144 3.48 -2.62 22.16
CA ASP B 144 4.61 -1.89 21.58
C ASP B 144 5.78 -1.91 22.57
N LYS B 145 6.20 -3.13 22.92
CA LYS B 145 7.24 -3.42 23.93
C LYS B 145 8.48 -2.55 23.77
N PHE B 146 8.81 -2.24 22.52
CA PHE B 146 10.04 -1.53 22.17
C PHE B 146 9.82 -0.05 21.91
N ASN B 147 8.60 0.43 22.15
CA ASN B 147 8.24 1.82 21.93
C ASN B 147 8.70 2.33 20.59
N VAL B 148 8.35 1.60 19.54
CA VAL B 148 8.61 2.06 18.19
C VAL B 148 7.69 3.22 17.79
N SER B 149 6.49 3.27 18.35
CA SER B 149 5.59 4.40 18.10
C SER B 149 6.16 5.73 18.64
N ASN B 158 -0.78 8.03 10.14
CA ASN B 158 -1.44 8.07 8.82
C ASN B 158 -1.88 6.67 8.30
N TYR B 159 -1.22 5.63 8.79
CA TYR B 159 -1.67 4.27 8.47
C TYR B 159 -2.93 3.97 9.29
N THR B 160 -3.71 2.97 8.86
CA THR B 160 -4.94 2.54 9.52
C THR B 160 -4.69 1.19 10.21
N VAL B 161 -5.28 1.00 11.39
CA VAL B 161 -5.20 -0.32 12.08
C VAL B 161 -6.60 -0.87 12.26
N SER B 162 -6.81 -2.14 11.92
CA SER B 162 -8.14 -2.71 12.08
C SER B 162 -8.01 -4.11 12.67
N LEU B 163 -9.14 -4.60 13.20
CA LEU B 163 -9.18 -5.90 13.88
C LEU B 163 -10.46 -6.60 13.44
N SER B 164 -10.34 -7.85 13.01
CA SER B 164 -11.51 -8.58 12.54
C SER B 164 -12.62 -8.63 13.56
N GLN B 165 -13.85 -8.44 13.11
CA GLN B 165 -14.97 -8.82 13.96
C GLN B 165 -14.81 -10.32 14.21
N ASP B 166 -15.02 -10.76 15.45
CA ASP B 166 -14.84 -12.18 15.80
C ASP B 166 -13.41 -12.70 15.59
N ALA B 167 -12.43 -11.81 15.68
CA ALA B 167 -11.00 -12.21 15.70
C ALA B 167 -10.78 -13.32 16.72
N LEU B 168 -9.89 -14.24 16.39
CA LEU B 168 -9.50 -15.27 17.36
C LEU B 168 -8.71 -14.65 18.51
N THR B 169 -8.68 -15.35 19.63
CA THR B 169 -7.93 -14.86 20.76
C THR B 169 -6.85 -15.88 21.15
N GLU B 170 -6.88 -16.38 22.38
CA GLU B 170 -5.83 -17.35 22.72
C GLU B 170 -6.07 -18.65 21.91
N ILE B 171 -5.02 -19.20 21.35
CA ILE B 171 -5.12 -20.37 20.49
C ILE B 171 -5.03 -21.65 21.33
N ASN B 172 -6.00 -22.55 21.18
CA ASN B 172 -5.91 -23.90 21.77
C ASN B 172 -5.40 -24.83 20.67
N ASN B 173 -4.24 -25.45 20.86
CA ASN B 173 -3.69 -26.39 19.84
C ASN B 173 -3.45 -27.76 20.46
N ASP B 174 -4.23 -28.08 21.52
CA ASP B 174 -3.97 -29.30 22.26
C ASP B 174 -4.41 -30.54 21.51
N THR B 175 -5.37 -30.40 20.58
CA THR B 175 -5.90 -31.58 19.90
C THR B 175 -6.05 -31.26 18.42
N ILE B 176 -6.20 -32.31 17.66
CA ILE B 176 -6.40 -32.19 16.20
C ILE B 176 -7.65 -31.35 15.92
N ASP B 177 -8.74 -31.68 16.61
CA ASP B 177 -9.97 -30.86 16.40
C ASP B 177 -9.79 -29.37 16.76
N ASP B 178 -9.09 -29.08 17.85
CA ASP B 178 -8.81 -27.67 18.20
C ASP B 178 -8.00 -26.98 17.13
N ILE B 179 -7.02 -27.67 16.57
CA ILE B 179 -6.15 -27.10 15.56
C ILE B 179 -6.97 -26.80 14.30
N MET B 180 -7.80 -27.76 13.92
CA MET B 180 -8.53 -27.52 12.67
CA MET B 180 -8.67 -27.63 12.72
C MET B 180 -9.65 -26.49 12.88
N ASP B 181 -10.20 -26.37 14.08
CA ASP B 181 -11.20 -25.31 14.38
C ASP B 181 -10.53 -23.92 14.18
N VAL B 182 -9.31 -23.78 14.71
CA VAL B 182 -8.58 -22.51 14.52
C VAL B 182 -8.35 -22.21 13.03
N ASN B 183 -7.93 -23.22 12.28
CA ASN B 183 -7.66 -23.06 10.85
C ASN B 183 -8.97 -22.65 10.12
N GLU B 184 -10.07 -23.35 10.44
CA GLU B 184 -11.32 -23.04 9.71
C GLU B 184 -11.82 -21.63 10.04
N LYS B 185 -11.74 -21.24 11.32
CA LYS B 185 -12.23 -19.92 11.72
CA LYS B 185 -12.23 -19.92 11.72
C LYS B 185 -11.35 -18.83 11.13
N ASN B 186 -10.04 -19.06 11.18
CA ASN B 186 -9.11 -18.07 10.60
C ASN B 186 -9.36 -17.91 9.09
N MET B 187 -9.59 -19.01 8.38
CA MET B 187 -9.87 -18.91 6.91
C MET B 187 -11.08 -18.03 6.67
N GLU B 188 -12.09 -18.20 7.49
CA GLU B 188 -13.35 -17.45 7.30
C GLU B 188 -13.04 -15.95 7.52
N LEU B 189 -12.22 -15.63 8.53
CA LEU B 189 -11.86 -14.21 8.78
C LEU B 189 -11.10 -13.59 7.59
N VAL B 190 -10.19 -14.37 7.02
CA VAL B 190 -9.36 -13.89 5.91
C VAL B 190 -10.30 -13.71 4.68
N GLN B 191 -11.16 -14.69 4.46
CA GLN B 191 -12.15 -14.58 3.35
C GLN B 191 -13.00 -13.34 3.53
N ASN B 192 -13.50 -13.12 4.75
CA ASN B 192 -14.39 -11.97 4.95
C ASN B 192 -13.72 -10.66 4.62
N LEU B 193 -12.49 -10.46 5.12
CA LEU B 193 -11.76 -9.21 4.86
C LEU B 193 -11.53 -9.05 3.35
N TYR B 194 -11.05 -10.11 2.70
CA TYR B 194 -10.68 -10.01 1.28
C TYR B 194 -11.91 -9.74 0.39
N SER B 195 -12.97 -10.53 0.58
CA SER B 195 -14.11 -10.48 -0.37
C SER B 195 -14.81 -9.15 -0.15
N THR B 196 -14.82 -8.72 1.11
CA THR B 196 -15.48 -7.44 1.39
C THR B 196 -14.71 -6.27 0.79
N THR B 197 -13.37 -6.31 0.89
CA THR B 197 -12.53 -5.24 0.34
C THR B 197 -12.78 -5.13 -1.17
N LEU B 198 -12.80 -6.27 -1.85
CA LEU B 198 -13.06 -6.24 -3.31
C LEU B 198 -14.48 -5.72 -3.60
N ALA B 199 -15.47 -6.15 -2.80
CA ALA B 199 -16.84 -5.71 -3.06
C ALA B 199 -16.99 -4.21 -2.82
N GLU B 200 -16.29 -3.69 -1.82
CA GLU B 200 -16.37 -2.26 -1.54
C GLU B 200 -15.73 -1.43 -2.66
N LYS B 201 -14.59 -1.88 -3.18
CA LYS B 201 -13.98 -1.17 -4.29
C LYS B 201 -14.89 -1.25 -5.51
N THR B 202 -15.49 -2.42 -5.73
CA THR B 202 -16.42 -2.55 -6.88
C THR B 202 -17.54 -1.54 -6.79
N LYS B 203 -18.17 -1.49 -5.61
CA LYS B 203 -19.29 -0.57 -5.40
C LYS B 203 -18.86 0.90 -5.61
N THR B 204 -17.72 1.28 -5.03
CA THR B 204 -17.26 2.65 -5.14
C THR B 204 -16.89 3.02 -6.59
N LEU B 205 -16.23 2.12 -7.32
CA LEU B 205 -15.94 2.35 -8.74
C LEU B 205 -17.22 2.63 -9.50
N LEU B 206 -18.25 1.82 -9.26
CA LEU B 206 -19.52 2.00 -9.96
C LEU B 206 -20.12 3.39 -9.67
N LEU B 207 -20.07 3.81 -8.41
CA LEU B 207 -20.59 5.14 -8.06
C LEU B 207 -19.82 6.29 -8.71
N TYR B 208 -18.49 6.22 -8.71
CA TYR B 208 -17.69 7.25 -9.42
C TYR B 208 -17.96 7.26 -10.95
N LYS B 209 -18.03 6.08 -11.53
CA LYS B 209 -18.29 5.95 -12.96
C LYS B 209 -19.61 6.61 -13.31
N GLU B 210 -20.62 6.45 -12.46
CA GLU B 210 -21.89 7.11 -12.70
C GLU B 210 -21.74 8.63 -12.67
N LYS B 211 -20.90 9.15 -11.77
CA LYS B 211 -20.67 10.59 -11.73
C LYS B 211 -20.06 11.06 -13.05
N ILE B 212 -19.10 10.31 -13.57
CA ILE B 212 -18.44 10.70 -14.82
C ILE B 212 -19.44 10.64 -15.98
N ASP B 213 -20.11 9.48 -16.09
CA ASP B 213 -21.13 9.22 -17.09
C ASP B 213 -22.22 10.27 -17.20
N THR B 214 -22.67 10.87 -16.10
CA THR B 214 -23.67 11.95 -16.26
C THR B 214 -23.19 13.10 -17.16
N GLY B 215 -21.88 13.30 -17.21
CA GLY B 215 -21.28 14.35 -18.02
C GLY B 215 -21.70 15.77 -17.66
N ILE B 216 -22.19 15.99 -16.45
CA ILE B 216 -22.55 17.35 -16.05
C ILE B 216 -21.76 17.85 -14.81
N ASN B 217 -20.88 17.03 -14.26
CA ASN B 217 -20.01 17.51 -13.21
C ASN B 217 -18.94 18.43 -13.80
N THR B 218 -18.45 19.36 -12.99
CA THR B 218 -17.35 20.23 -13.43
C THR B 218 -16.20 20.15 -12.45
N CYS B 219 -15.00 20.51 -12.90
CA CYS B 219 -13.80 20.32 -12.08
C CYS B 219 -13.80 21.38 -10.98
N GLN B 220 -13.65 20.93 -9.74
CA GLN B 220 -13.60 21.84 -8.60
C GLN B 220 -12.71 23.07 -8.84
N PHE B 221 -11.58 22.88 -9.53
CA PHE B 221 -10.58 23.95 -9.71
C PHE B 221 -10.60 24.66 -11.06
N CYS B 222 -10.67 23.93 -12.18
CA CYS B 222 -10.59 24.60 -13.48
C CYS B 222 -11.96 24.78 -14.14
N ASN B 223 -12.99 24.15 -13.56
CA ASN B 223 -14.41 24.35 -13.95
C ASN B 223 -14.84 23.69 -15.27
N LYS B 224 -13.94 23.00 -15.96
CA LYS B 224 -14.34 22.35 -17.20
C LYS B 224 -15.12 21.10 -16.88
N ILE B 225 -16.01 20.72 -17.81
CA ILE B 225 -16.87 19.55 -17.62
C ILE B 225 -16.09 18.27 -17.41
N ILE B 226 -16.51 17.48 -16.44
CA ILE B 226 -15.95 16.15 -16.23
C ILE B 226 -16.52 15.15 -17.25
N LYS B 227 -15.64 14.68 -18.16
CA LYS B 227 -16.04 13.79 -19.28
C LYS B 227 -14.78 13.08 -19.81
N HIS B 228 -14.87 11.80 -20.16
CA HIS B 228 -13.72 11.19 -20.86
C HIS B 228 -13.75 11.65 -22.33
N ASN B 229 -12.62 12.11 -22.87
CA ASN B 229 -12.64 12.73 -24.21
C ASN B 229 -12.07 11.85 -25.33
N ASN B 233 -4.95 12.05 -24.17
CA ASN B 233 -4.50 13.01 -23.16
C ASN B 233 -4.78 12.55 -21.72
N ILE B 234 -3.83 11.86 -21.13
CA ILE B 234 -3.92 11.38 -19.75
C ILE B 234 -4.32 12.47 -18.74
N SER B 235 -3.79 13.68 -18.89
CA SER B 235 -4.11 14.75 -17.95
C SER B 235 -5.58 15.12 -18.00
N GLU B 236 -6.23 14.85 -19.12
CA GLU B 236 -7.62 15.22 -19.25
C GLU B 236 -8.57 14.11 -18.82
N ASN B 237 -8.06 12.90 -18.64
CA ASN B 237 -8.97 11.77 -18.39
C ASN B 237 -8.78 11.07 -17.05
N LEU B 238 -7.85 11.59 -16.25
CA LEU B 238 -7.67 11.10 -14.90
C LEU B 238 -8.43 12.04 -13.96
N PHE B 239 -9.34 11.48 -13.17
CA PHE B 239 -10.18 12.26 -12.29
C PHE B 239 -9.90 11.92 -10.85
N ALA B 240 -10.29 12.82 -9.96
CA ALA B 240 -10.12 12.65 -8.52
C ALA B 240 -11.46 12.88 -7.87
N PHE B 241 -11.80 12.04 -6.89
CA PHE B 241 -13.08 12.09 -6.20
C PHE B 241 -12.87 12.10 -4.71
N CYS B 242 -13.82 12.65 -3.98
CA CYS B 242 -13.78 12.52 -2.52
C CYS B 242 -14.02 11.06 -2.15
N ARG B 243 -13.37 10.60 -1.09
CA ARG B 243 -13.60 9.25 -0.60
C ARG B 243 -15.01 9.08 -0.09
N ASP B 244 -15.65 10.17 0.32
CA ASP B 244 -17.06 10.12 0.69
C ASP B 244 -17.89 10.20 -0.60
N THR B 245 -18.50 9.08 -1.01
CA THR B 245 -19.20 9.01 -2.29
C THR B 245 -20.45 9.90 -2.33
N SER B 246 -20.88 10.41 -1.19
CA SER B 246 -22.03 11.31 -1.19
C SER B 246 -21.55 12.77 -1.20
N CYS B 247 -20.25 12.98 -0.97
CA CYS B 247 -19.67 14.31 -1.17
C CYS B 247 -19.58 14.55 -2.67
N THR B 248 -19.79 15.79 -3.08
CA THR B 248 -19.81 16.08 -4.50
C THR B 248 -18.45 16.52 -5.07
N PHE B 249 -17.40 16.57 -4.26
CA PHE B 249 -16.08 16.98 -4.79
C PHE B 249 -15.62 16.05 -5.91
N VAL B 250 -15.39 16.66 -7.08
CA VAL B 250 -14.79 15.95 -8.20
C VAL B 250 -13.86 16.93 -8.93
N SER B 251 -12.72 16.46 -9.42
CA SER B 251 -11.80 17.33 -10.18
C SER B 251 -10.99 16.50 -11.21
N HIS B 252 -10.28 17.19 -12.08
CA HIS B 252 -9.17 16.55 -12.81
C HIS B 252 -8.13 16.14 -11.80
N LEU B 253 -7.51 14.96 -11.98
CA LEU B 253 -6.42 14.56 -11.11
C LEU B 253 -5.28 15.60 -11.11
N ALA B 254 -4.92 16.08 -12.30
CA ALA B 254 -3.85 17.09 -12.38
C ALA B 254 -4.22 18.34 -11.62
N CYS B 255 -5.48 18.75 -11.70
CA CYS B 255 -5.93 19.94 -11.00
C CYS B 255 -5.88 19.76 -9.47
N ALA B 256 -6.30 18.59 -9.00
CA ALA B 256 -6.27 18.31 -7.58
C ALA B 256 -4.82 18.28 -7.11
N TYR B 257 -3.97 17.61 -7.89
CA TYR B 257 -2.55 17.52 -7.56
C TYR B 257 -1.94 18.90 -7.36
N ARG B 258 -2.19 19.76 -8.35
CA ARG B 258 -1.67 21.13 -8.33
CA ARG B 258 -1.69 21.13 -8.36
C ARG B 258 -2.13 21.88 -7.10
N TYR B 259 -3.40 21.73 -6.77
CA TYR B 259 -3.95 22.42 -5.64
C TYR B 259 -3.37 21.91 -4.32
N PHE B 260 -3.29 20.59 -4.18
CA PHE B 260 -2.78 20.01 -2.96
C PHE B 260 -1.31 20.35 -2.74
N MET B 261 -0.55 20.48 -3.83
CA MET B 261 0.89 20.73 -3.71
C MET B 261 1.23 22.21 -3.57
N SER B 262 0.20 23.05 -3.57
CA SER B 262 0.42 24.46 -3.29
C SER B 262 -0.18 24.81 -1.94
N GLU B 269 11.62 20.42 3.29
CA GLU B 269 12.11 19.76 2.10
C GLU B 269 10.96 19.55 1.09
N ASP B 270 11.27 19.71 -0.18
CA ASP B 270 10.26 19.72 -1.20
C ASP B 270 9.86 18.28 -1.46
N THR B 271 8.59 18.08 -1.77
CA THR B 271 8.10 16.73 -2.01
C THR B 271 7.40 16.70 -3.37
N ILE B 272 7.09 15.51 -3.82
CA ILE B 272 6.44 15.24 -5.13
C ILE B 272 5.02 14.68 -4.98
N ILE B 273 4.83 13.80 -3.98
CA ILE B 273 3.57 13.07 -3.81
C ILE B 273 2.78 13.71 -2.65
N PRO B 274 1.50 14.05 -2.86
CA PRO B 274 0.72 14.62 -1.76
C PRO B 274 0.65 13.65 -0.57
N GLN B 275 0.61 14.22 0.64
N GLN B 275 0.64 14.21 0.64
CA GLN B 275 0.50 13.40 1.84
CA GLN B 275 0.48 13.38 1.83
C GLN B 275 -0.72 13.88 2.64
C GLN B 275 -0.74 13.89 2.60
N SER B 276 -1.70 12.99 2.82
CA SER B 276 -2.95 13.34 3.53
C SER B 276 -3.60 14.67 3.14
N PRO B 277 -3.89 14.84 1.85
CA PRO B 277 -4.59 16.07 1.46
C PRO B 277 -6.03 16.00 1.95
N LYS B 278 -6.67 17.14 2.15
CA LYS B 278 -8.07 17.15 2.58
C LYS B 278 -8.96 17.55 1.44
N CYS B 279 -10.14 16.96 1.38
CA CYS B 279 -11.13 17.36 0.40
C CYS B 279 -11.44 18.86 0.55
N PRO B 280 -11.33 19.62 -0.55
CA PRO B 280 -11.62 21.06 -0.48
C PRO B 280 -13.08 21.38 -0.13
N LYS B 281 -13.96 20.39 -0.18
CA LYS B 281 -15.37 20.63 0.08
C LYS B 281 -15.77 20.27 1.52
N CYS B 282 -15.48 19.05 1.93
CA CYS B 282 -15.97 18.56 3.22
C CYS B 282 -14.82 18.44 4.22
N TYR B 283 -13.59 18.63 3.74
CA TYR B 283 -12.40 18.73 4.58
C TYR B 283 -11.96 17.39 5.14
N THR B 284 -12.57 16.31 4.68
CA THR B 284 -12.17 15.00 5.16
C THR B 284 -10.80 14.62 4.62
N LEU B 285 -10.08 13.84 5.42
CA LEU B 285 -8.76 13.40 5.06
C LEU B 285 -8.81 12.36 3.94
N LEU B 286 -8.06 12.59 2.88
CA LEU B 286 -7.99 11.64 1.78
C LEU B 286 -6.70 10.84 1.82
N LYS B 287 -6.73 9.63 1.28
CA LYS B 287 -5.50 8.86 1.12
C LYS B 287 -5.14 8.97 -0.34
N TRP B 288 -3.98 9.56 -0.65
CA TRP B 288 -3.64 9.80 -2.05
C TRP B 288 -3.60 8.48 -2.84
N CYS B 289 -3.14 7.41 -2.19
CA CYS B 289 -3.11 6.09 -2.88
C CYS B 289 -4.51 5.60 -3.33
N ASP B 290 -5.53 5.82 -2.50
CA ASP B 290 -6.89 5.47 -2.87
C ASP B 290 -7.38 6.38 -4.01
N VAL B 291 -7.04 7.67 -3.94
CA VAL B 291 -7.40 8.60 -5.02
C VAL B 291 -6.84 8.09 -6.36
N ILE B 292 -5.57 7.68 -6.34
CA ILE B 292 -4.96 7.17 -7.55
C ILE B 292 -5.55 5.84 -7.99
N TYR B 293 -5.85 5.00 -7.02
CA TYR B 293 -6.47 3.69 -7.33
C TYR B 293 -7.71 3.90 -8.21
N TYR B 294 -8.62 4.75 -7.75
CA TYR B 294 -9.84 4.90 -8.51
C TYR B 294 -9.60 5.67 -9.83
N SER B 295 -8.70 6.65 -9.75
CA SER B 295 -8.41 7.50 -10.89
C SER B 295 -7.95 6.66 -12.07
N ILE B 296 -6.97 5.83 -11.84
CA ILE B 296 -6.40 5.04 -12.93
C ILE B 296 -7.33 3.93 -13.37
N LYS B 297 -8.01 3.28 -12.42
CA LYS B 297 -8.87 2.18 -12.83
C LYS B 297 -10.09 2.66 -13.63
N LEU B 298 -10.62 3.82 -13.27
CA LEU B 298 -11.74 4.36 -14.05
C LEU B 298 -11.30 4.63 -15.48
N ASN B 299 -10.08 5.13 -15.64
CA ASN B 299 -9.59 5.48 -16.97
C ASN B 299 -9.33 4.23 -17.79
N LYS B 300 -8.85 3.18 -17.13
CA LYS B 300 -8.77 1.84 -17.71
C LYS B 300 -10.08 1.10 -17.48
#